data_4Z7M
#
_entry.id   4Z7M
#
_cell.length_a   61.985
_cell.length_b   62.712
_cell.length_c   72.978
_cell.angle_alpha   90.000
_cell.angle_beta   89.590
_cell.angle_gamma   90.000
#
_symmetry.space_group_name_H-M   'P 1 21 1'
#
loop_
_entity.id
_entity.type
_entity.pdbx_description
1 polymer 'Methionine aminopeptidase'
2 non-polymer 'MANGANESE (II) ION'
3 non-polymer N~2~-[(3,5-difluorophenyl)acetyl]-N-[(3S,7R)-1-methyl-2-oxo-7-phenyl-2,3,4,7-tetrahydro-1H-azepin-3-yl]-L-alaninamide
4 water water
#
_entity_poly.entity_id   1
_entity_poly.type   'polypeptide(L)'
_entity_poly.pdbx_seq_one_letter_code
;AISIKTPEDIEKMRVAGRLAAEVLEMIEPYVKPGVSTGELDRICNDYIVNEQHAVSACLGYHGYPKSVCISINEVVCHGI
PDDAKLLKDGDIVNIDVTVIKDGFHGDTSKMFIVGKPTIMGERLCRITQESLYLALRMVKPGINLREIGAAIQKFVEAEG
FSVVREYCGHGIGRGFHEEPQVLHYDSRETNVVLKPGMTFTIEPMVNAGKKEIRTMKDGWTVKTKDRSLSAQYEHTIVVT
DNGCEILTLRKDDTIPAIISH
;
_entity_poly.pdbx_strand_id   A,B
#
# COMPACT_ATOMS: atom_id res chain seq x y z
N ALA A 1 27.64 20.89 17.48
CA ALA A 1 26.59 19.94 17.93
C ALA A 1 26.19 18.85 16.92
N ILE A 2 26.90 18.67 15.81
CA ILE A 2 26.76 17.44 14.98
C ILE A 2 27.46 16.25 15.67
N SER A 3 26.76 15.11 15.89
CA SER A 3 27.40 13.87 16.40
C SER A 3 27.68 12.96 15.20
N ILE A 4 28.85 12.31 15.18
CA ILE A 4 29.19 11.38 14.10
C ILE A 4 28.60 9.99 14.32
N LYS A 5 28.54 9.21 13.24
CA LYS A 5 28.00 7.87 13.29
C LYS A 5 29.16 6.87 13.47
N THR A 6 28.89 5.77 14.17
CA THR A 6 29.86 4.68 14.31
C THR A 6 29.85 3.84 13.01
N PRO A 7 30.83 2.94 12.83
CA PRO A 7 30.76 2.02 11.69
C PRO A 7 29.50 1.14 11.71
N GLU A 8 29.06 0.70 12.89
CA GLU A 8 27.77 -0.03 13.00
C GLU A 8 26.55 0.84 12.51
N ASP A 9 26.57 2.13 12.82
CA ASP A 9 25.50 3.08 12.42
C ASP A 9 25.51 3.29 10.90
N ILE A 10 26.68 3.55 10.37
CA ILE A 10 26.90 3.75 8.92
C ILE A 10 26.44 2.57 8.08
N GLU A 11 26.69 1.36 8.56
CA GLU A 11 26.20 0.16 7.86
C GLU A 11 24.67 0.05 7.89
N LYS A 12 24.03 0.49 8.96
CA LYS A 12 22.56 0.49 9.02
C LYS A 12 21.98 1.54 8.04
N MET A 13 22.73 2.61 7.82
CA MET A 13 22.35 3.65 6.85
C MET A 13 22.56 3.23 5.37
N ARG A 14 23.53 2.37 5.11
CA ARG A 14 23.69 1.73 3.79
C ARG A 14 22.42 0.93 3.47
N VAL A 15 21.92 0.22 4.46
CA VAL A 15 20.75 -0.63 4.23
C VAL A 15 19.54 0.28 3.92
N ALA A 16 19.30 1.30 4.75
CA ALA A 16 18.11 2.14 4.62
C ALA A 16 18.16 2.94 3.36
N GLY A 17 19.36 3.46 3.04
CA GLY A 17 19.59 4.19 1.82
C GLY A 17 19.40 3.36 0.57
N ARG A 18 19.90 2.15 0.57
CA ARG A 18 19.66 1.27 -0.58
C ARG A 18 18.16 0.99 -0.79
N LEU A 19 17.43 0.83 0.31
CA LEU A 19 15.99 0.57 0.22
C LEU A 19 15.27 1.75 -0.44
N ALA A 20 15.70 2.96 -0.10
CA ALA A 20 15.07 4.21 -0.65
C ALA A 20 15.38 4.36 -2.14
N ALA A 21 16.63 4.09 -2.50
CA ALA A 21 17.05 4.08 -3.91
C ALA A 21 16.21 3.08 -4.72
N GLU A 22 16.06 1.90 -4.16
CA GLU A 22 15.30 0.83 -4.84
C GLU A 22 13.83 1.14 -5.02
N VAL A 23 13.25 1.96 -4.14
CA VAL A 23 11.87 2.45 -4.40
C VAL A 23 11.82 3.25 -5.69
N LEU A 24 12.80 4.13 -5.87
CA LEU A 24 12.83 4.98 -7.05
C LEU A 24 13.08 4.16 -8.33
N GLU A 25 13.87 3.10 -8.22
CA GLU A 25 14.06 2.16 -9.34
C GLU A 25 12.74 1.40 -9.64
N MET A 26 12.06 0.96 -8.58
CA MET A 26 10.84 0.18 -8.72
C MET A 26 9.74 1.02 -9.41
N ILE A 27 9.62 2.31 -9.06
CA ILE A 27 8.46 3.11 -9.52
C ILE A 27 8.54 3.59 -10.95
N GLU A 28 9.75 3.68 -11.51
CA GLU A 28 9.93 4.25 -12.86
C GLU A 28 8.98 3.76 -13.95
N PRO A 29 8.82 2.44 -14.14
CA PRO A 29 7.91 2.06 -15.27
C PRO A 29 6.41 2.43 -15.10
N TYR A 30 6.02 2.81 -13.87
CA TYR A 30 4.67 3.31 -13.58
C TYR A 30 4.46 4.76 -13.84
N VAL A 31 5.57 5.53 -13.95
CA VAL A 31 5.47 6.97 -14.14
C VAL A 31 5.24 7.24 -15.64
N LYS A 32 3.99 7.31 -16.08
CA LYS A 32 3.69 7.61 -17.48
C LYS A 32 2.44 8.46 -17.57
N PRO A 33 2.06 8.95 -18.80
CA PRO A 33 0.86 9.76 -18.98
C PRO A 33 -0.41 9.09 -18.49
N GLY A 34 -1.11 9.80 -17.62
CA GLY A 34 -2.45 9.46 -17.16
C GLY A 34 -2.50 8.75 -15.82
N VAL A 35 -1.37 8.28 -15.28
CA VAL A 35 -1.37 7.72 -13.94
C VAL A 35 -1.57 8.89 -12.95
N SER A 36 -2.28 8.66 -11.84
CA SER A 36 -2.40 9.66 -10.77
C SER A 36 -1.23 9.65 -9.82
N THR A 37 -1.00 10.78 -9.17
CA THR A 37 0.06 10.81 -8.15
C THR A 37 -0.33 9.95 -6.94
N GLY A 38 -1.63 9.97 -6.63
CA GLY A 38 -2.23 9.10 -5.61
C GLY A 38 -1.95 7.62 -5.87
N GLU A 39 -2.02 7.17 -7.13
CA GLU A 39 -1.67 5.79 -7.41
C GLU A 39 -0.20 5.51 -7.22
N LEU A 40 0.63 6.39 -7.78
CA LEU A 40 2.04 6.31 -7.55
C LEU A 40 2.46 6.16 -6.09
N ASP A 41 1.86 6.99 -5.23
CA ASP A 41 2.12 6.91 -3.80
C ASP A 41 1.73 5.56 -3.15
N ARG A 42 0.53 5.10 -3.42
CA ARG A 42 0.14 3.78 -2.88
C ARG A 42 1.01 2.63 -3.35
N ILE A 43 1.47 2.71 -4.62
CA ILE A 43 2.42 1.71 -5.14
C ILE A 43 3.67 1.75 -4.33
N CYS A 44 4.29 2.95 -4.15
CA CYS A 44 5.47 3.01 -3.30
C CYS A 44 5.25 2.57 -1.87
N ASN A 45 4.22 3.10 -1.20
CA ASN A 45 3.95 2.61 0.16
C ASN A 45 3.81 1.09 0.28
N ASP A 46 3.01 0.47 -0.60
CA ASP A 46 2.93 -1.00 -0.59
C ASP A 46 4.30 -1.64 -0.66
N TYR A 47 5.15 -1.13 -1.56
CA TYR A 47 6.47 -1.74 -1.75
C TYR A 47 7.32 -1.71 -0.51
N ILE A 48 7.36 -0.53 0.11
CA ILE A 48 8.13 -0.32 1.32
C ILE A 48 7.67 -1.23 2.44
N VAL A 49 6.37 -1.20 2.72
CA VAL A 49 5.86 -1.98 3.84
C VAL A 49 5.97 -3.46 3.55
N ASN A 50 5.40 -3.89 2.44
CA ASN A 50 5.23 -5.33 2.22
C ASN A 50 6.32 -6.05 1.46
N GLU A 51 7.13 -5.36 0.64
CA GLU A 51 8.29 -6.02 -0.02
C GLU A 51 9.56 -5.76 0.66
N GLN A 52 9.75 -4.52 1.11
CA GLN A 52 11.03 -4.17 1.76
C GLN A 52 11.04 -4.41 3.29
N HIS A 53 9.90 -4.81 3.86
CA HIS A 53 9.71 -4.91 5.33
C HIS A 53 10.21 -3.67 6.07
N ALA A 54 9.80 -2.48 5.63
CA ALA A 54 10.25 -1.25 6.25
C ALA A 54 9.11 -0.23 6.37
N VAL A 55 9.45 1.02 6.64
CA VAL A 55 8.43 2.06 6.77
C VAL A 55 8.89 3.38 6.21
N SER A 56 7.95 4.07 5.56
CA SER A 56 8.16 5.40 5.04
C SER A 56 8.27 6.33 6.16
N ALA A 57 9.32 7.17 6.17
CA ALA A 57 9.49 8.19 7.21
C ALA A 57 8.54 9.34 7.05
N CYS A 58 7.99 9.51 5.86
CA CYS A 58 7.08 10.61 5.52
C CYS A 58 5.68 10.39 6.10
N LEU A 59 5.20 9.17 6.01
CA LEU A 59 3.83 8.83 6.37
C LEU A 59 3.48 9.30 7.80
N GLY A 60 2.65 10.34 7.88
CA GLY A 60 2.25 10.89 9.21
C GLY A 60 3.24 11.86 9.84
N TYR A 61 4.33 12.15 9.12
CA TYR A 61 5.44 12.90 9.75
C TYR A 61 5.02 14.32 10.00
N HIS A 62 4.84 14.68 11.26
CA HIS A 62 4.40 16.06 11.62
C HIS A 62 3.17 16.53 10.84
N GLY A 63 2.26 15.59 10.62
CA GLY A 63 1.05 15.84 9.86
C GLY A 63 1.08 15.47 8.40
N TYR A 64 2.27 15.27 7.80
CA TYR A 64 2.35 14.90 6.35
C TYR A 64 1.47 13.63 6.04
N PRO A 65 0.47 13.75 5.15
CA PRO A 65 -0.58 12.71 4.98
C PRO A 65 -0.30 11.54 4.00
N LYS A 66 0.80 11.60 3.25
CA LYS A 66 1.13 10.52 2.30
C LYS A 66 2.50 9.91 2.55
N SER A 67 2.87 8.90 1.76
CA SER A 67 4.09 8.12 2.06
C SER A 67 5.35 8.62 1.30
N VAL A 68 5.14 9.33 0.20
CA VAL A 68 6.21 9.96 -0.53
C VAL A 68 5.75 11.32 -1.00
N CYS A 69 6.72 12.23 -1.25
CA CYS A 69 6.45 13.51 -1.88
C CYS A 69 6.54 13.46 -3.40
N ILE A 70 5.52 14.00 -4.08
CA ILE A 70 5.50 14.02 -5.52
C ILE A 70 5.16 15.43 -5.98
N SER A 71 6.19 16.12 -6.52
CA SER A 71 6.15 17.50 -6.93
C SER A 71 6.27 17.62 -8.48
N ILE A 72 5.31 18.26 -9.14
CA ILE A 72 5.28 18.40 -10.62
C ILE A 72 5.42 19.83 -11.04
N ASN A 73 6.23 20.05 -12.09
CA ASN A 73 6.34 21.33 -12.79
C ASN A 73 6.70 22.47 -11.83
N GLU A 74 5.81 23.46 -11.63
CA GLU A 74 6.15 24.63 -10.81
C GLU A 74 6.16 24.37 -9.27
N VAL A 75 5.82 23.16 -8.83
CA VAL A 75 5.85 22.80 -7.41
C VAL A 75 7.29 22.46 -7.14
N VAL A 76 7.84 23.06 -6.08
CA VAL A 76 9.27 23.00 -5.76
C VAL A 76 9.58 21.81 -4.86
N CYS A 77 8.72 21.58 -3.86
CA CYS A 77 8.87 20.49 -2.89
C CYS A 77 7.59 20.30 -2.03
N HIS A 78 7.56 19.19 -1.32
CA HIS A 78 6.48 18.79 -0.44
C HIS A 78 5.14 18.55 -1.14
N GLY A 79 5.15 18.29 -2.45
CA GLY A 79 3.91 18.11 -3.21
C GLY A 79 3.18 16.82 -2.79
N ILE A 80 1.88 16.92 -2.60
CA ILE A 80 1.13 15.85 -1.91
C ILE A 80 0.38 15.02 -2.92
N PRO A 81 0.67 13.72 -2.98
CA PRO A 81 -0.07 12.82 -3.92
C PRO A 81 -1.60 12.91 -3.79
N ASP A 82 -2.29 12.81 -4.93
CA ASP A 82 -3.71 13.19 -5.04
C ASP A 82 -4.30 12.29 -6.16
N ASP A 83 -5.38 11.57 -5.87
CA ASP A 83 -5.94 10.67 -6.87
C ASP A 83 -6.50 11.44 -8.05
N ALA A 84 -6.82 12.71 -7.85
CA ALA A 84 -7.23 13.59 -8.97
C ALA A 84 -6.06 14.10 -9.84
N LYS A 85 -4.81 13.95 -9.41
CA LYS A 85 -3.74 14.61 -10.14
C LYS A 85 -3.07 13.62 -11.11
N LEU A 86 -3.38 13.80 -12.39
CA LEU A 86 -2.93 12.90 -13.47
C LEU A 86 -1.72 13.49 -14.17
N LEU A 87 -0.71 12.67 -14.38
CA LEU A 87 0.50 13.12 -15.11
C LEU A 87 0.19 13.30 -16.57
N LYS A 88 0.85 14.23 -17.19
CA LYS A 88 0.63 14.54 -18.55
C LYS A 88 1.95 14.72 -19.25
N ASP A 89 1.85 14.57 -20.57
CA ASP A 89 2.95 14.64 -21.46
C ASP A 89 3.74 15.92 -21.26
N GLY A 90 5.05 15.81 -21.10
CA GLY A 90 5.90 17.00 -20.90
C GLY A 90 6.12 17.43 -19.42
N ASP A 91 5.32 16.90 -18.49
CA ASP A 91 5.48 17.18 -17.07
C ASP A 91 6.87 16.76 -16.59
N ILE A 92 7.37 17.49 -15.62
CA ILE A 92 8.61 17.12 -14.89
C ILE A 92 8.16 16.78 -13.49
N VAL A 93 8.58 15.61 -12.97
CA VAL A 93 8.05 15.08 -11.78
C VAL A 93 9.19 14.69 -10.83
N ASN A 94 9.22 15.26 -9.62
CA ASN A 94 10.12 14.74 -8.53
C ASN A 94 9.42 13.76 -7.66
N ILE A 95 10.12 12.70 -7.26
CA ILE A 95 9.58 11.82 -6.27
C ILE A 95 10.73 11.73 -5.26
N ASP A 96 10.40 12.04 -4.00
CA ASP A 96 11.33 11.99 -2.84
C ASP A 96 10.86 10.90 -1.95
N VAL A 97 11.76 10.00 -1.55
CA VAL A 97 11.44 8.79 -0.83
C VAL A 97 12.35 8.72 0.38
N THR A 98 11.81 8.40 1.56
CA THR A 98 12.61 8.28 2.76
C THR A 98 12.13 7.08 3.48
N VAL A 99 13.05 6.16 3.78
CA VAL A 99 12.71 4.91 4.35
C VAL A 99 13.44 4.86 5.65
N ILE A 100 12.78 4.23 6.61
CA ILE A 100 13.41 3.89 7.91
C ILE A 100 13.57 2.40 7.97
N LYS A 101 14.77 1.93 8.35
CA LYS A 101 14.95 0.54 8.54
C LYS A 101 15.93 0.33 9.69
N ASP A 102 15.53 -0.51 10.63
CA ASP A 102 16.41 -0.88 11.77
C ASP A 102 16.85 0.41 12.49
N GLY A 103 15.92 1.39 12.57
CA GLY A 103 16.16 2.64 13.28
C GLY A 103 16.88 3.76 12.58
N PHE A 104 17.38 3.53 11.34
CA PHE A 104 18.07 4.57 10.57
C PHE A 104 17.30 5.00 9.29
N HIS A 105 17.56 6.22 8.84
CA HIS A 105 16.80 6.86 7.70
C HIS A 105 17.71 6.88 6.45
N GLY A 106 17.09 6.78 5.27
CA GLY A 106 17.78 7.06 4.00
C GLY A 106 16.86 7.89 3.13
N ASP A 107 17.32 9.01 2.62
CA ASP A 107 16.43 9.96 1.84
C ASP A 107 17.08 10.22 0.49
N THR A 108 16.26 10.09 -0.55
CA THR A 108 16.74 10.40 -1.89
C THR A 108 15.58 10.81 -2.78
N SER A 109 15.89 11.49 -3.86
CA SER A 109 14.85 11.93 -4.82
C SER A 109 15.42 12.06 -6.23
N LYS A 110 14.59 11.89 -7.26
CA LYS A 110 15.02 12.15 -8.64
C LYS A 110 13.90 12.78 -9.43
N MET A 111 14.24 13.22 -10.61
CA MET A 111 13.24 13.69 -11.58
C MET A 111 12.93 12.62 -12.63
N PHE A 112 11.69 12.65 -13.13
CA PHE A 112 11.22 11.82 -14.20
C PHE A 112 10.56 12.80 -15.11
N ILE A 113 10.77 12.67 -16.40
CA ILE A 113 10.03 13.50 -17.38
C ILE A 113 9.02 12.58 -18.05
N VAL A 114 7.77 13.05 -18.17
CA VAL A 114 6.66 12.29 -18.69
C VAL A 114 6.59 12.51 -20.19
N GLY A 115 6.46 11.43 -20.96
CA GLY A 115 6.39 11.48 -22.41
C GLY A 115 7.57 12.21 -23.02
N LYS A 116 7.26 13.08 -23.97
CA LYS A 116 8.27 13.78 -24.72
C LYS A 116 8.74 15.01 -23.90
N PRO A 117 10.05 15.14 -23.64
CA PRO A 117 10.50 16.35 -22.94
C PRO A 117 10.20 17.66 -23.67
N THR A 118 9.90 18.70 -22.91
CA THR A 118 10.02 20.05 -23.47
C THR A 118 11.50 20.40 -23.39
N ILE A 119 11.90 21.34 -24.21
CA ILE A 119 13.32 21.84 -24.22
C ILE A 119 13.79 22.38 -22.84
N MET A 120 12.95 23.21 -22.23
CA MET A 120 13.29 23.80 -20.93
C MET A 120 13.33 22.74 -19.83
N GLY A 121 12.34 21.83 -19.84
CA GLY A 121 12.30 20.69 -18.90
C GLY A 121 13.55 19.83 -18.90
N GLU A 122 14.00 19.46 -20.10
CA GLU A 122 15.17 18.57 -20.24
C GLU A 122 16.36 19.29 -19.69
N ARG A 123 16.51 20.56 -20.03
CA ARG A 123 17.73 21.29 -19.59
C ARG A 123 17.76 21.56 -18.06
N LEU A 124 16.64 22.05 -17.53
CA LEU A 124 16.51 22.26 -16.06
C LEU A 124 16.85 21.01 -15.25
N CYS A 125 16.25 19.87 -15.57
CA CYS A 125 16.53 18.65 -14.82
C CYS A 125 18.02 18.23 -14.91
N ARG A 126 18.62 18.33 -16.11
CA ARG A 126 20.05 18.03 -16.30
C ARG A 126 20.97 18.93 -15.51
N ILE A 127 20.70 20.23 -15.52
CA ILE A 127 21.52 21.19 -14.79
C ILE A 127 21.46 20.88 -13.26
N THR A 128 20.25 20.59 -12.78
CA THR A 128 19.99 20.29 -11.38
C THR A 128 20.77 19.04 -10.94
N GLN A 129 20.70 17.95 -11.72
CA GLN A 129 21.48 16.74 -11.39
C GLN A 129 23.00 17.03 -11.37
N GLU A 130 23.46 17.70 -12.42
CA GLU A 130 24.88 18.13 -12.48
C GLU A 130 25.31 19.01 -11.28
N SER A 131 24.42 19.91 -10.85
CA SER A 131 24.71 20.69 -9.62
C SER A 131 24.92 19.79 -8.40
N LEU A 132 24.10 18.75 -8.24
CA LEU A 132 24.31 17.76 -7.14
C LEU A 132 25.60 16.98 -7.21
N TYR A 133 25.90 16.45 -8.40
CA TYR A 133 27.13 15.65 -8.60
C TYR A 133 28.35 16.56 -8.36
N LEU A 134 28.27 17.79 -8.80
CA LEU A 134 29.37 18.77 -8.46
C LEU A 134 29.61 18.94 -6.94
N ALA A 135 28.52 19.01 -6.18
CA ALA A 135 28.56 19.10 -4.72
C ALA A 135 29.10 17.80 -4.14
N LEU A 136 28.62 16.63 -4.61
CA LEU A 136 29.10 15.34 -4.04
C LEU A 136 30.60 15.20 -4.16
N ARG A 137 31.11 15.67 -5.28
CA ARG A 137 32.53 15.55 -5.57
C ARG A 137 33.39 16.45 -4.72
N MET A 138 32.80 17.46 -4.07
CA MET A 138 33.51 18.32 -3.13
C MET A 138 33.59 17.77 -1.71
N VAL A 139 32.68 16.89 -1.30
CA VAL A 139 32.61 16.50 0.09
C VAL A 139 33.90 15.76 0.55
N LYS A 140 34.53 16.22 1.63
CA LYS A 140 35.67 15.50 2.30
C LYS A 140 35.97 16.15 3.66
N PRO A 141 36.67 15.45 4.59
CA PRO A 141 36.93 16.09 5.86
C PRO A 141 37.71 17.35 5.74
N GLY A 142 37.47 18.27 6.67
CA GLY A 142 38.24 19.51 6.74
C GLY A 142 37.74 20.64 5.89
N ILE A 143 36.85 20.41 4.93
CA ILE A 143 36.23 21.53 4.19
C ILE A 143 35.04 22.06 5.00
N ASN A 144 34.69 23.30 4.71
CA ASN A 144 33.51 23.89 5.25
C ASN A 144 32.36 23.65 4.31
N LEU A 145 31.23 23.30 4.91
CA LEU A 145 29.95 23.07 4.22
C LEU A 145 29.50 24.25 3.39
N ARG A 146 29.90 25.44 3.81
CA ARG A 146 29.59 26.63 3.09
C ARG A 146 30.16 26.63 1.64
N GLU A 147 31.31 26.00 1.46
CA GLU A 147 31.91 25.88 0.09
C GLU A 147 31.00 25.17 -0.90
N ILE A 148 30.26 24.20 -0.40
CA ILE A 148 29.42 23.36 -1.22
C ILE A 148 28.23 24.18 -1.73
N GLY A 149 27.56 24.93 -0.87
CA GLY A 149 26.49 25.81 -1.34
C GLY A 149 26.94 26.85 -2.31
N ALA A 150 28.15 27.36 -2.11
CA ALA A 150 28.66 28.43 -2.95
C ALA A 150 28.92 27.89 -4.38
N ALA A 151 29.61 26.79 -4.43
CA ALA A 151 29.81 26.04 -5.73
C ALA A 151 28.49 25.69 -6.45
N ILE A 152 27.49 25.15 -5.72
CA ILE A 152 26.19 24.81 -6.35
C ILE A 152 25.58 26.06 -6.96
N GLN A 153 25.59 27.15 -6.18
CA GLN A 153 24.95 28.40 -6.69
C GLN A 153 25.64 28.99 -7.94
N LYS A 154 26.96 29.08 -7.88
CA LYS A 154 27.77 29.59 -9.00
C LYS A 154 27.44 28.82 -10.28
N PHE A 155 27.48 27.49 -10.18
CA PHE A 155 27.18 26.61 -11.34
C PHE A 155 25.78 26.83 -11.89
N VAL A 156 24.80 26.96 -10.99
CA VAL A 156 23.41 26.98 -11.38
C VAL A 156 23.07 28.32 -12.02
N GLU A 157 23.53 29.41 -11.37
CA GLU A 157 23.40 30.74 -11.94
C GLU A 157 24.15 30.95 -13.28
N ALA A 158 25.30 30.32 -13.47
CA ALA A 158 25.95 30.37 -14.82
C ALA A 158 25.09 29.79 -15.97
N GLU A 159 24.21 28.84 -15.64
CA GLU A 159 23.23 28.29 -16.60
C GLU A 159 21.97 29.11 -16.73
N GLY A 160 21.95 30.28 -16.10
CA GLY A 160 20.80 31.14 -16.18
C GLY A 160 19.62 30.69 -15.36
N PHE A 161 19.87 29.87 -14.33
CA PHE A 161 18.81 29.42 -13.41
C PHE A 161 19.00 29.99 -12.03
N SER A 162 18.00 29.72 -11.16
CA SER A 162 18.01 30.22 -9.74
C SER A 162 17.98 29.11 -8.66
N VAL A 163 18.57 29.40 -7.48
CA VAL A 163 18.61 28.45 -6.35
C VAL A 163 17.60 28.84 -5.25
N VAL A 164 16.73 27.91 -4.91
CA VAL A 164 15.76 28.16 -3.87
C VAL A 164 16.43 28.29 -2.52
N ARG A 165 16.05 29.37 -1.82
CA ARG A 165 16.67 29.80 -0.54
C ARG A 165 16.08 29.19 0.72
N GLU A 166 14.77 29.14 0.82
CA GLU A 166 14.05 28.82 2.10
C GLU A 166 14.04 27.33 2.49
N TYR A 167 14.35 26.42 1.54
CA TYR A 167 14.40 25.00 1.81
C TYR A 167 15.77 24.44 1.49
N CYS A 168 16.14 23.37 2.19
CA CYS A 168 17.52 22.92 2.26
C CYS A 168 17.63 21.42 2.58
N GLY A 169 18.84 20.91 2.34
CA GLY A 169 19.21 19.55 2.76
C GLY A 169 19.50 19.53 4.23
N HIS A 170 19.83 18.34 4.76
CA HIS A 170 19.87 18.25 6.19
C HIS A 170 20.69 17.06 6.70
N GLY A 171 21.08 17.14 7.97
CA GLY A 171 21.65 15.96 8.65
C GLY A 171 20.54 14.90 8.75
N ILE A 172 20.92 13.63 8.91
CA ILE A 172 19.99 12.49 8.80
C ILE A 172 20.63 11.28 9.54
N GLY A 173 19.78 10.42 10.11
CA GLY A 173 20.27 9.36 10.97
C GLY A 173 19.17 8.56 11.65
N ARG A 174 19.24 8.49 12.98
CA ARG A 174 18.11 8.00 13.73
C ARG A 174 16.94 8.93 13.55
N GLY A 175 17.21 10.18 13.28
CA GLY A 175 16.18 11.15 12.85
C GLY A 175 16.14 11.53 11.38
N PHE A 176 14.96 11.92 10.91
CA PHE A 176 14.73 12.36 9.53
C PHE A 176 15.55 13.61 9.28
N HIS A 177 15.33 14.66 10.09
CA HIS A 177 16.01 15.91 9.92
C HIS A 177 16.86 16.29 11.13
N GLU A 178 18.19 16.22 10.98
CA GLU A 178 19.13 16.52 12.07
C GLU A 178 20.05 17.67 11.65
N GLU A 179 20.89 18.17 12.55
CA GLU A 179 22.01 19.07 12.16
C GLU A 179 22.95 18.32 11.18
N PRO A 180 23.58 19.00 10.22
CA PRO A 180 23.47 20.45 10.05
C PRO A 180 22.38 20.84 9.01
N GLN A 181 22.12 22.12 8.83
CA GLN A 181 21.34 22.55 7.64
C GLN A 181 22.31 22.68 6.48
N VAL A 182 21.91 22.11 5.33
CA VAL A 182 22.75 22.07 4.12
C VAL A 182 22.09 23.00 3.11
N LEU A 183 22.61 24.21 3.08
CA LEU A 183 22.15 25.27 2.16
C LEU A 183 22.74 25.00 0.78
N HIS A 184 21.96 25.32 -0.26
CA HIS A 184 22.38 25.13 -1.68
C HIS A 184 22.96 26.37 -2.28
N TYR A 185 23.25 27.37 -1.43
CA TYR A 185 23.82 28.67 -1.84
C TYR A 185 24.84 29.16 -0.85
N ASP A 186 25.58 30.21 -1.22
CA ASP A 186 26.55 30.83 -0.33
C ASP A 186 25.86 31.73 0.71
N SER A 187 26.19 31.48 1.99
CA SER A 187 25.65 32.24 3.15
C SER A 187 26.61 32.23 4.35
N ARG A 188 26.90 33.41 4.85
CA ARG A 188 27.41 33.68 6.24
C ARG A 188 26.88 32.73 7.35
N GLU A 189 25.59 32.40 7.26
CA GLU A 189 24.90 31.49 8.18
C GLU A 189 25.47 30.08 8.27
N THR A 190 26.28 29.65 7.28
CA THR A 190 26.86 28.31 7.33
C THR A 190 28.25 28.41 7.87
N ASN A 191 28.57 27.56 8.84
CA ASN A 191 29.93 27.44 9.32
C ASN A 191 30.13 26.10 10.01
N VAL A 192 30.46 25.10 9.19
CA VAL A 192 30.55 23.71 9.61
C VAL A 192 31.72 23.02 8.86
N VAL A 193 32.69 22.47 9.64
CA VAL A 193 33.83 21.74 9.11
C VAL A 193 33.53 20.26 9.14
N LEU A 194 33.51 19.65 7.97
CA LEU A 194 33.17 18.25 7.82
C LEU A 194 34.21 17.40 8.54
N LYS A 195 33.73 16.34 9.17
CA LYS A 195 34.58 15.30 9.78
C LYS A 195 34.05 13.93 9.36
N PRO A 196 34.93 12.89 9.30
CA PRO A 196 34.49 11.54 8.97
C PRO A 196 33.39 11.14 9.89
N GLY A 197 32.40 10.44 9.39
CA GLY A 197 31.32 9.90 10.23
C GLY A 197 30.07 10.75 10.24
N MET A 198 30.19 12.00 9.82
CA MET A 198 29.01 12.85 9.53
C MET A 198 28.17 12.32 8.39
N THR A 199 26.85 12.27 8.62
CA THR A 199 25.91 11.95 7.56
C THR A 199 24.91 13.09 7.30
N PHE A 200 24.62 13.32 6.03
CA PHE A 200 23.66 14.37 5.66
C PHE A 200 23.26 14.20 4.23
N THR A 201 22.26 14.98 3.82
CA THR A 201 21.78 15.03 2.45
C THR A 201 22.22 16.27 1.68
N ILE A 202 22.26 16.13 0.35
CA ILE A 202 22.34 17.25 -0.51
C ILE A 202 21.23 17.12 -1.52
N GLU A 203 20.44 18.19 -1.68
CA GLU A 203 19.18 18.14 -2.40
C GLU A 203 18.76 19.44 -3.04
N PRO A 204 19.60 19.99 -3.95
CA PRO A 204 19.33 21.28 -4.57
C PRO A 204 18.01 21.39 -5.31
N MET A 205 17.39 22.53 -5.14
CA MET A 205 16.10 22.84 -5.73
C MET A 205 16.36 24.06 -6.57
N VAL A 206 16.13 23.93 -7.88
CA VAL A 206 16.61 24.89 -8.87
C VAL A 206 15.38 25.34 -9.64
N ASN A 207 15.20 26.66 -9.78
CA ASN A 207 14.07 27.19 -10.55
C ASN A 207 14.51 27.68 -11.92
N ALA A 208 13.64 27.53 -12.91
CA ALA A 208 13.94 28.05 -14.28
C ALA A 208 13.95 29.59 -14.32
N GLY A 209 13.01 30.21 -13.61
CA GLY A 209 12.89 31.67 -13.53
C GLY A 209 13.55 32.16 -12.26
N LYS A 210 12.81 32.93 -11.43
CA LYS A 210 13.40 33.54 -10.25
C LYS A 210 13.31 32.62 -9.03
N LYS A 211 14.11 32.98 -8.04
CA LYS A 211 14.34 32.11 -6.86
C LYS A 211 13.15 32.05 -5.84
N GLU A 212 12.21 32.98 -5.90
CA GLU A 212 11.29 33.18 -4.80
C GLU A 212 10.23 32.11 -4.90
N ILE A 213 9.71 31.74 -3.74
CA ILE A 213 8.72 30.67 -3.57
C ILE A 213 7.54 31.19 -2.76
N ARG A 214 6.43 30.45 -2.83
CA ARG A 214 5.24 30.75 -2.06
C ARG A 214 4.74 29.44 -1.57
N THR A 215 3.92 29.52 -0.55
CA THR A 215 3.48 28.43 0.24
C THR A 215 1.95 28.36 -0.01
N MET A 216 1.40 27.15 -0.13
CA MET A 216 -0.01 26.96 -0.53
C MET A 216 -0.99 26.75 0.63
N LYS A 217 -2.29 26.89 0.35
CA LYS A 217 -3.35 26.73 1.37
C LYS A 217 -3.29 25.46 2.17
N ASP A 218 -2.82 24.40 1.55
CA ASP A 218 -2.66 23.15 2.24
C ASP A 218 -1.51 23.16 3.27
N GLY A 219 -0.72 24.23 3.35
CA GLY A 219 0.43 24.31 4.28
C GLY A 219 1.74 23.76 3.75
N TRP A 220 1.68 22.55 3.22
CA TRP A 220 2.85 21.75 2.88
C TRP A 220 3.44 22.19 1.55
N THR A 221 2.58 22.35 0.54
CA THR A 221 3.06 22.50 -0.86
C THR A 221 3.70 23.87 -1.09
N VAL A 222 4.90 23.82 -1.66
CA VAL A 222 5.69 24.98 -2.03
C VAL A 222 5.74 25.08 -3.56
N LYS A 223 5.32 26.21 -4.12
CA LYS A 223 5.49 26.51 -5.56
C LYS A 223 6.45 27.68 -5.86
N THR A 224 6.83 27.82 -7.12
CA THR A 224 7.58 29.00 -7.51
C THR A 224 6.62 30.22 -7.52
N LYS A 225 7.09 31.37 -7.03
CA LYS A 225 6.32 32.61 -7.03
C LYS A 225 6.05 33.12 -8.45
N ASP A 226 7.07 33.06 -9.32
CA ASP A 226 6.86 33.39 -10.74
C ASP A 226 6.22 32.29 -11.59
N ARG A 227 5.77 31.19 -11.00
CA ARG A 227 5.18 30.05 -11.72
C ARG A 227 6.09 29.40 -12.81
N SER A 228 7.40 29.59 -12.74
CA SER A 228 8.33 28.88 -13.63
C SER A 228 8.53 27.45 -13.09
N LEU A 229 9.21 26.61 -13.88
CA LEU A 229 9.35 25.22 -13.48
C LEU A 229 10.43 25.14 -12.40
N SER A 230 10.36 24.12 -11.59
CA SER A 230 11.43 23.87 -10.57
C SER A 230 11.83 22.40 -10.55
N ALA A 231 13.12 22.07 -10.31
CA ALA A 231 13.54 20.67 -10.24
C ALA A 231 14.48 20.45 -9.09
N GLN A 232 14.55 19.21 -8.71
CA GLN A 232 15.41 18.75 -7.60
C GLN A 232 15.91 17.34 -7.78
N TYR A 233 17.09 17.06 -7.17
CA TYR A 233 17.58 15.71 -6.98
C TYR A 233 18.25 15.65 -5.60
N GLU A 234 18.31 14.43 -5.04
CA GLU A 234 18.96 14.25 -3.76
C GLU A 234 19.65 12.94 -3.58
N HIS A 235 20.72 13.00 -2.82
CA HIS A 235 21.33 11.78 -2.25
C HIS A 235 21.70 12.01 -0.77
N THR A 236 21.84 10.88 -0.04
CA THR A 236 22.34 10.86 1.34
C THR A 236 23.76 10.31 1.33
N ILE A 237 24.68 11.00 2.03
CA ILE A 237 26.11 10.67 2.01
C ILE A 237 26.65 10.53 3.45
N VAL A 238 27.79 9.82 3.54
CA VAL A 238 28.62 9.81 4.76
C VAL A 238 30.02 10.35 4.40
N VAL A 239 30.60 11.22 5.24
CA VAL A 239 31.93 11.74 5.06
C VAL A 239 32.89 10.59 5.48
N THR A 240 33.86 10.29 4.63
CA THR A 240 34.90 9.25 4.91
C THR A 240 36.23 9.96 5.26
N ASP A 241 37.26 9.20 5.66
CA ASP A 241 38.59 9.76 5.94
C ASP A 241 39.19 10.56 4.81
N ASN A 242 38.83 10.25 3.56
CA ASN A 242 39.38 10.95 2.38
C ASN A 242 38.37 11.46 1.33
N GLY A 243 37.08 11.41 1.64
CA GLY A 243 36.06 11.95 0.71
C GLY A 243 34.63 11.67 1.18
N CYS A 244 33.90 10.90 0.37
CA CYS A 244 32.55 10.51 0.74
C CYS A 244 32.11 9.25 0.10
N GLU A 245 31.12 8.61 0.73
CA GLU A 245 30.37 7.48 0.18
C GLU A 245 28.90 7.88 0.09
N ILE A 246 28.38 7.76 -1.13
CA ILE A 246 27.00 8.05 -1.44
C ILE A 246 26.24 6.79 -1.08
N LEU A 247 25.22 6.94 -0.24
CA LEU A 247 24.46 5.77 0.28
C LEU A 247 23.18 5.44 -0.45
N THR A 248 22.73 6.28 -1.40
CA THR A 248 21.45 6.07 -2.10
C THR A 248 21.61 5.96 -3.65
N LEU A 249 22.78 5.51 -4.15
CA LEU A 249 22.99 5.41 -5.64
C LEU A 249 22.04 4.42 -6.24
N ARG A 250 21.49 4.79 -7.39
CA ARG A 250 20.71 3.92 -8.25
C ARG A 250 21.59 3.48 -9.41
N LYS A 251 21.11 2.48 -10.09
CA LYS A 251 21.78 1.96 -11.27
C LYS A 251 21.87 2.96 -12.43
N ASP A 252 20.89 3.88 -12.51
CA ASP A 252 20.90 4.95 -13.52
C ASP A 252 21.74 6.18 -13.12
N ASP A 253 22.23 6.26 -11.87
CA ASP A 253 23.25 7.26 -11.47
C ASP A 253 24.56 7.05 -12.26
N THR A 254 25.25 8.15 -12.53
CA THR A 254 26.40 8.18 -13.42
C THR A 254 27.68 8.64 -12.72
N ILE A 255 27.82 8.12 -11.50
CA ILE A 255 28.93 8.48 -10.66
C ILE A 255 29.15 7.28 -9.75
N PRO A 256 30.40 7.05 -9.34
CA PRO A 256 30.63 5.97 -8.43
C PRO A 256 30.13 6.33 -7.01
N ALA A 257 29.87 5.29 -6.23
CA ALA A 257 29.42 5.42 -4.84
C ALA A 257 30.47 5.95 -3.89
N ILE A 258 31.74 5.59 -4.13
CA ILE A 258 32.84 6.16 -3.39
C ILE A 258 33.52 7.26 -4.17
N ILE A 259 33.76 8.40 -3.53
CA ILE A 259 34.55 9.49 -4.13
C ILE A 259 35.73 9.77 -3.23
N SER A 260 36.93 9.72 -3.83
CA SER A 260 38.21 9.64 -3.15
C SER A 260 39.04 10.86 -3.50
N HIS A 261 39.75 11.45 -2.53
CA HIS A 261 40.60 12.62 -2.84
C HIS A 261 42.06 12.37 -2.53
N ALA B 1 -27.79 -27.31 -14.01
CA ALA B 1 -26.91 -28.23 -13.31
C ALA B 1 -26.74 -27.92 -11.83
N ILE B 2 -27.49 -26.99 -11.22
CA ILE B 2 -27.49 -26.93 -9.73
C ILE B 2 -28.34 -28.08 -9.09
N SER B 3 -27.73 -28.82 -8.15
CA SER B 3 -28.37 -29.80 -7.27
C SER B 3 -28.96 -29.13 -6.05
N ILE B 4 -30.18 -29.48 -5.66
CA ILE B 4 -30.77 -29.04 -4.39
C ILE B 4 -30.21 -29.96 -3.28
N LYS B 5 -30.08 -29.45 -2.05
CA LYS B 5 -29.71 -30.30 -0.87
C LYS B 5 -31.01 -30.82 -0.17
N THR B 6 -30.94 -32.05 0.36
CA THR B 6 -32.03 -32.60 1.15
C THR B 6 -32.06 -31.94 2.55
N PRO B 7 -33.11 -32.18 3.35
CA PRO B 7 -33.06 -31.78 4.76
C PRO B 7 -31.90 -32.37 5.56
N GLU B 8 -31.51 -33.60 5.26
CA GLU B 8 -30.45 -34.23 6.00
C GLU B 8 -29.09 -33.53 5.64
N ASP B 9 -28.94 -33.14 4.37
CA ASP B 9 -27.73 -32.46 3.84
C ASP B 9 -27.63 -31.04 4.45
N ILE B 10 -28.75 -30.34 4.42
CA ILE B 10 -28.85 -29.01 5.05
C ILE B 10 -28.46 -29.07 6.53
N GLU B 11 -28.93 -30.06 7.26
CA GLU B 11 -28.56 -30.16 8.66
C GLU B 11 -27.07 -30.35 8.85
N LYS B 12 -26.46 -31.14 7.96
CA LYS B 12 -25.00 -31.35 8.02
C LYS B 12 -24.20 -30.08 7.77
N MET B 13 -24.73 -29.26 6.88
CA MET B 13 -24.15 -27.99 6.56
C MET B 13 -24.36 -26.95 7.68
N ARG B 14 -25.47 -27.01 8.40
CA ARG B 14 -25.67 -26.24 9.66
C ARG B 14 -24.52 -26.56 10.62
N VAL B 15 -24.16 -27.82 10.71
CA VAL B 15 -23.06 -28.20 11.60
C VAL B 15 -21.70 -27.65 11.10
N ALA B 16 -21.41 -27.83 9.80
CA ALA B 16 -20.14 -27.42 9.26
C ALA B 16 -19.98 -25.92 9.33
N GLY B 17 -21.06 -25.21 9.00
CA GLY B 17 -21.03 -23.76 9.03
C GLY B 17 -20.89 -23.18 10.44
N ARG B 18 -21.60 -23.77 11.40
CA ARG B 18 -21.44 -23.35 12.80
C ARG B 18 -19.98 -23.47 13.22
N LEU B 19 -19.34 -24.57 12.80
CA LEU B 19 -17.95 -24.78 13.18
C LEU B 19 -17.06 -23.68 12.59
N ALA B 20 -17.35 -23.26 11.35
CA ALA B 20 -16.49 -22.26 10.66
C ALA B 20 -16.69 -20.91 11.32
N ALA B 21 -17.93 -20.63 11.63
CA ALA B 21 -18.27 -19.41 12.38
C ALA B 21 -17.54 -19.43 13.74
N GLU B 22 -17.56 -20.55 14.42
CA GLU B 22 -16.85 -20.61 15.72
C GLU B 22 -15.36 -20.40 15.64
N VAL B 23 -14.74 -20.73 14.50
CA VAL B 23 -13.31 -20.43 14.36
C VAL B 23 -13.05 -18.97 14.37
N LEU B 24 -13.88 -18.20 13.63
CA LEU B 24 -13.70 -16.78 13.61
C LEU B 24 -13.92 -16.11 14.98
N GLU B 25 -14.91 -16.60 15.72
CA GLU B 25 -15.20 -16.14 17.07
C GLU B 25 -14.02 -16.49 17.98
N MET B 26 -13.46 -17.69 17.92
CA MET B 26 -12.32 -17.96 18.84
C MET B 26 -11.03 -17.20 18.51
N ILE B 27 -10.80 -16.85 17.25
CA ILE B 27 -9.53 -16.26 16.87
C ILE B 27 -9.43 -14.79 17.17
N GLU B 28 -10.58 -14.13 17.31
CA GLU B 28 -10.61 -12.68 17.53
C GLU B 28 -9.62 -12.13 18.59
N PRO B 29 -9.60 -12.65 19.81
CA PRO B 29 -8.70 -12.06 20.85
C PRO B 29 -7.21 -12.20 20.56
N TYR B 30 -6.89 -13.09 19.61
CA TYR B 30 -5.51 -13.25 19.11
C TYR B 30 -5.10 -12.30 18.06
N VAL B 31 -6.10 -11.73 17.36
CA VAL B 31 -5.84 -10.79 16.31
C VAL B 31 -5.42 -9.42 16.92
N LYS B 32 -4.13 -9.16 17.01
CA LYS B 32 -3.69 -7.91 17.56
C LYS B 32 -2.33 -7.53 17.06
N PRO B 33 -1.86 -6.29 17.33
CA PRO B 33 -0.54 -5.89 16.87
C PRO B 33 0.56 -6.87 17.24
N GLY B 34 1.36 -7.18 16.24
CA GLY B 34 2.57 -7.98 16.41
C GLY B 34 2.42 -9.49 16.25
N VAL B 35 1.20 -10.05 16.28
CA VAL B 35 1.05 -11.48 16.04
C VAL B 35 1.34 -11.76 14.53
N SER B 36 1.93 -12.90 14.21
CA SER B 36 2.17 -13.25 12.79
C SER B 36 0.93 -13.86 12.17
N THR B 37 0.77 -13.72 10.86
CA THR B 37 -0.29 -14.50 10.20
C THR B 37 -0.05 -16.02 10.31
N GLY B 38 1.22 -16.43 10.28
CA GLY B 38 1.60 -17.85 10.44
C GLY B 38 1.11 -18.39 11.77
N GLU B 39 1.27 -17.61 12.84
CA GLU B 39 0.74 -18.01 14.15
C GLU B 39 -0.79 -18.12 14.17
N LEU B 40 -1.44 -17.10 13.63
CA LEU B 40 -2.87 -17.14 13.53
C LEU B 40 -3.40 -18.38 12.84
N ASP B 41 -2.76 -18.73 11.74
CA ASP B 41 -3.13 -19.93 11.02
C ASP B 41 -3.01 -21.20 11.84
N ARG B 42 -1.88 -21.34 12.51
CA ARG B 42 -1.68 -22.57 13.30
C ARG B 42 -2.67 -22.71 14.45
N ILE B 43 -3.00 -21.58 15.11
CA ILE B 43 -4.07 -21.50 16.14
C ILE B 43 -5.40 -21.99 15.59
N CYS B 44 -5.79 -21.48 14.41
CA CYS B 44 -7.00 -21.97 13.77
C CYS B 44 -6.96 -23.44 13.45
N ASN B 45 -5.90 -23.87 12.78
CA ASN B 45 -5.80 -25.27 12.40
C ASN B 45 -5.83 -26.20 13.60
N ASP B 46 -5.11 -25.85 14.68
CA ASP B 46 -5.18 -26.66 15.92
C ASP B 46 -6.62 -26.76 16.46
N TYR B 47 -7.36 -25.65 16.36
CA TYR B 47 -8.70 -25.62 16.92
C TYR B 47 -9.64 -26.51 16.11
N ILE B 48 -9.59 -26.36 14.79
CA ILE B 48 -10.42 -27.18 13.90
C ILE B 48 -10.15 -28.66 14.13
N VAL B 49 -8.88 -29.03 14.15
CA VAL B 49 -8.52 -30.46 14.26
C VAL B 49 -8.76 -31.02 15.68
N ASN B 50 -8.22 -30.36 16.68
CA ASN B 50 -8.09 -30.96 18.01
C ASN B 50 -9.24 -30.61 18.91
N GLU B 51 -9.92 -29.49 18.64
CA GLU B 51 -11.05 -29.06 19.44
C GLU B 51 -12.39 -29.30 18.79
N GLN B 52 -12.50 -28.96 17.50
CA GLN B 52 -13.74 -29.19 16.77
C GLN B 52 -13.86 -30.57 16.12
N HIS B 53 -12.82 -31.39 16.22
CA HIS B 53 -12.79 -32.70 15.60
C HIS B 53 -13.13 -32.70 14.08
N ALA B 54 -12.60 -31.72 13.34
CA ALA B 54 -12.94 -31.48 11.94
C ALA B 54 -11.62 -31.27 11.15
N VAL B 55 -11.76 -30.78 9.92
CA VAL B 55 -10.59 -30.50 9.05
C VAL B 55 -10.88 -29.28 8.22
N SER B 56 -9.83 -28.51 8.01
CA SER B 56 -9.86 -27.41 7.12
C SER B 56 -10.02 -27.87 5.70
N ALA B 57 -10.98 -27.30 4.96
CA ALA B 57 -11.12 -27.55 3.54
C ALA B 57 -9.99 -26.95 2.71
N CYS B 58 -9.39 -25.86 3.23
CA CYS B 58 -8.29 -25.16 2.58
C CYS B 58 -6.95 -25.89 2.55
N LEU B 59 -6.63 -26.60 3.64
CA LEU B 59 -5.31 -27.18 3.77
C LEU B 59 -5.03 -28.24 2.64
N GLY B 60 -4.09 -27.90 1.76
CA GLY B 60 -3.71 -28.75 0.60
C GLY B 60 -4.57 -28.61 -0.64
N TYR B 61 -5.56 -27.72 -0.59
CA TYR B 61 -6.63 -27.75 -1.60
C TYR B 61 -6.07 -27.27 -2.88
N HIS B 62 -5.95 -28.19 -3.84
CA HIS B 62 -5.32 -27.86 -5.13
C HIS B 62 -3.99 -27.13 -4.94
N GLY B 63 -3.22 -27.58 -3.96
CA GLY B 63 -1.95 -27.00 -3.59
C GLY B 63 -1.90 -25.88 -2.57
N TYR B 64 -3.05 -25.29 -2.22
CA TYR B 64 -3.10 -24.26 -1.19
C TYR B 64 -2.37 -24.75 0.06
N PRO B 65 -1.33 -24.02 0.50
CA PRO B 65 -0.40 -24.54 1.54
C PRO B 65 -0.81 -24.34 3.03
N LYS B 66 -1.84 -23.54 3.29
CA LYS B 66 -2.21 -23.26 4.70
C LYS B 66 -3.67 -23.59 5.03
N SER B 67 -4.06 -23.42 6.31
CA SER B 67 -5.36 -23.92 6.74
C SER B 67 -6.48 -22.85 6.61
N VAL B 68 -6.12 -21.58 6.59
CA VAL B 68 -7.07 -20.47 6.43
C VAL B 68 -6.47 -19.47 5.49
N CYS B 69 -7.28 -18.68 4.74
CA CYS B 69 -6.76 -17.51 4.04
C CYS B 69 -6.73 -16.26 4.90
N ILE B 70 -5.58 -15.57 4.93
CA ILE B 70 -5.48 -14.34 5.72
C ILE B 70 -4.96 -13.28 4.81
N SER B 71 -5.89 -12.38 4.46
CA SER B 71 -5.71 -11.28 3.52
C SER B 71 -5.74 -9.83 4.19
N ILE B 72 -4.63 -9.11 4.08
CA ILE B 72 -4.38 -7.83 4.77
C ILE B 72 -4.32 -6.74 3.77
N ASN B 73 -5.09 -5.67 4.04
CA ASN B 73 -4.98 -4.40 3.35
C ASN B 73 -5.28 -4.49 1.84
N GLU B 74 -4.31 -4.20 0.98
CA GLU B 74 -4.53 -4.29 -0.48
C GLU B 74 -4.62 -5.73 -1.09
N VAL B 75 -4.40 -6.77 -0.29
CA VAL B 75 -4.68 -8.15 -0.73
C VAL B 75 -6.19 -8.34 -0.69
N VAL B 76 -6.72 -8.82 -1.83
CA VAL B 76 -8.16 -8.98 -2.12
C VAL B 76 -8.68 -10.29 -1.58
N CYS B 77 -7.94 -11.36 -1.93
CA CYS B 77 -8.26 -12.69 -1.47
C CYS B 77 -7.04 -13.65 -1.59
N HIS B 78 -7.22 -14.82 -1.01
CA HIS B 78 -6.29 -15.97 -1.06
C HIS B 78 -4.96 -15.71 -0.41
N GLY B 79 -4.90 -14.73 0.50
CA GLY B 79 -3.66 -14.39 1.19
C GLY B 79 -3.16 -15.56 2.04
N ILE B 80 -1.86 -15.84 1.93
CA ILE B 80 -1.23 -17.02 2.53
C ILE B 80 -0.52 -16.70 3.85
N PRO B 81 -0.97 -17.29 4.97
CA PRO B 81 -0.31 -17.13 6.30
C PRO B 81 1.25 -17.29 6.25
N ASP B 82 1.96 -16.36 6.90
CA ASP B 82 3.44 -16.28 6.84
C ASP B 82 3.94 -16.02 8.28
N ASP B 83 4.93 -16.78 8.75
CA ASP B 83 5.53 -16.51 10.04
C ASP B 83 6.23 -15.13 10.05
N ALA B 84 6.63 -14.62 8.90
CA ALA B 84 7.27 -13.30 8.80
C ALA B 84 6.27 -12.13 8.70
N LYS B 85 4.96 -12.39 8.62
CA LYS B 85 3.99 -11.34 8.33
C LYS B 85 3.24 -10.96 9.63
N LEU B 86 3.65 -9.85 10.20
CA LEU B 86 3.20 -9.37 11.52
C LEU B 86 2.14 -8.31 11.35
N LEU B 87 1.04 -8.40 12.10
CA LEU B 87 -0.01 -7.39 12.03
C LEU B 87 0.43 -6.11 12.61
N LYS B 88 -0.05 -5.03 12.05
CA LYS B 88 0.27 -3.74 12.56
C LYS B 88 -0.97 -2.86 12.73
N ASP B 89 -0.79 -1.86 13.61
CA ASP B 89 -1.82 -0.90 13.92
C ASP B 89 -2.44 -0.36 12.65
N GLY B 90 -3.75 -0.39 12.54
CA GLY B 90 -4.43 0.21 11.36
C GLY B 90 -4.72 -0.83 10.26
N ASP B 91 -4.06 -1.98 10.29
CA ASP B 91 -4.34 -3.03 9.26
C ASP B 91 -5.79 -3.53 9.26
N ILE B 92 -6.37 -3.64 8.07
CA ILE B 92 -7.62 -4.41 7.90
C ILE B 92 -7.30 -5.81 7.43
N VAL B 93 -7.85 -6.81 8.14
CA VAL B 93 -7.54 -8.17 7.91
C VAL B 93 -8.79 -9.04 7.68
N ASN B 94 -8.80 -9.76 6.56
CA ASN B 94 -9.79 -10.84 6.34
C ASN B 94 -9.24 -12.19 6.76
N ILE B 95 -10.07 -12.97 7.45
CA ILE B 95 -9.77 -14.35 7.71
C ILE B 95 -10.95 -15.12 7.11
N ASP B 96 -10.64 -16.08 6.25
CA ASP B 96 -11.64 -16.91 5.50
C ASP B 96 -11.40 -18.30 5.97
N VAL B 97 -12.45 -18.91 6.51
CA VAL B 97 -12.39 -20.19 7.16
C VAL B 97 -13.37 -21.12 6.43
N THR B 98 -12.89 -22.30 6.07
CA THR B 98 -13.73 -23.34 5.48
C THR B 98 -13.47 -24.64 6.19
N VAL B 99 -14.53 -25.15 6.86
CA VAL B 99 -14.43 -26.35 7.61
C VAL B 99 -15.22 -27.43 6.88
N ILE B 100 -14.68 -28.64 6.94
CA ILE B 100 -15.40 -29.85 6.51
C ILE B 100 -15.84 -30.66 7.69
N LYS B 101 -17.10 -31.06 7.70
CA LYS B 101 -17.53 -31.93 8.76
C LYS B 101 -18.58 -32.88 8.28
N ASP B 102 -18.38 -34.16 8.55
CA ASP B 102 -19.36 -35.22 8.11
C ASP B 102 -19.58 -35.07 6.59
N GLY B 103 -18.48 -34.75 5.86
CA GLY B 103 -18.49 -34.69 4.40
C GLY B 103 -19.09 -33.43 3.77
N PHE B 104 -19.49 -32.45 4.59
CA PHE B 104 -20.05 -31.18 4.06
C PHE B 104 -19.24 -29.95 4.49
N HIS B 105 -19.30 -28.92 3.66
CA HIS B 105 -18.44 -27.72 3.76
C HIS B 105 -19.26 -26.55 4.33
N GLY B 106 -18.56 -25.74 5.14
CA GLY B 106 -19.09 -24.45 5.57
C GLY B 106 -18.03 -23.37 5.40
N ASP B 107 -18.33 -22.31 4.68
CA ASP B 107 -17.32 -21.26 4.36
C ASP B 107 -17.80 -19.89 4.84
N THR B 108 -16.96 -19.13 5.58
CA THR B 108 -17.34 -17.78 5.95
C THR B 108 -16.06 -16.99 6.11
N SER B 109 -16.21 -15.71 6.14
CA SER B 109 -15.09 -14.80 6.47
C SER B 109 -15.62 -13.51 7.06
N LYS B 110 -14.68 -12.74 7.66
CA LYS B 110 -14.94 -11.38 8.15
C LYS B 110 -13.65 -10.54 8.21
N MET B 111 -13.86 -9.25 8.40
CA MET B 111 -12.81 -8.25 8.61
C MET B 111 -12.58 -8.03 10.09
N PHE B 112 -11.31 -7.85 10.43
CA PHE B 112 -10.90 -7.45 11.72
C PHE B 112 -10.05 -6.28 11.45
N ILE B 113 -10.20 -5.22 12.23
CA ILE B 113 -9.31 -4.09 12.11
C ILE B 113 -8.38 -4.06 13.32
N VAL B 114 -7.10 -3.91 13.04
CA VAL B 114 -6.08 -4.02 14.09
C VAL B 114 -5.85 -2.67 14.78
N GLY B 115 -5.78 -2.69 16.11
CA GLY B 115 -5.63 -1.47 16.94
C GLY B 115 -6.60 -0.42 16.52
N LYS B 116 -6.11 0.80 16.27
CA LYS B 116 -6.94 1.93 15.87
C LYS B 116 -7.33 2.01 14.37
N PRO B 117 -8.62 2.04 14.04
CA PRO B 117 -8.95 2.15 12.64
C PRO B 117 -8.48 3.43 11.98
N THR B 118 -8.18 3.34 10.68
CA THR B 118 -8.19 4.54 9.85
C THR B 118 -9.63 4.83 9.39
N ILE B 119 -9.87 6.07 9.02
CA ILE B 119 -11.17 6.49 8.50
C ILE B 119 -11.59 5.65 7.30
N MET B 120 -10.70 5.51 6.33
CA MET B 120 -11.05 4.77 5.12
C MET B 120 -11.34 3.32 5.43
N GLY B 121 -10.48 2.70 6.25
CA GLY B 121 -10.66 1.31 6.63
C GLY B 121 -11.95 0.98 7.32
N GLU B 122 -12.33 1.84 8.25
CA GLU B 122 -13.58 1.69 8.97
C GLU B 122 -14.70 1.73 8.00
N ARG B 123 -14.69 2.73 7.13
CA ARG B 123 -15.83 2.91 6.24
C ARG B 123 -15.92 1.78 5.21
N LEU B 124 -14.77 1.44 4.62
CA LEU B 124 -14.71 0.32 3.66
C LEU B 124 -15.25 -0.98 4.26
N CYS B 125 -14.77 -1.39 5.45
CA CYS B 125 -15.29 -2.61 5.98
C CYS B 125 -16.77 -2.56 6.24
N ARG B 126 -17.28 -1.44 6.79
CA ARG B 126 -18.71 -1.27 7.03
C ARG B 126 -19.51 -1.36 5.75
N ILE B 127 -19.08 -0.66 4.72
CA ILE B 127 -19.81 -0.68 3.47
C ILE B 127 -19.83 -2.14 2.92
N THR B 128 -18.73 -2.86 3.11
CA THR B 128 -18.66 -4.20 2.55
C THR B 128 -19.62 -5.16 3.26
N GLN B 129 -19.63 -5.09 4.60
CA GLN B 129 -20.61 -5.85 5.36
C GLN B 129 -22.05 -5.48 5.01
N GLU B 130 -22.35 -4.19 5.03
CA GLU B 130 -23.66 -3.75 4.52
C GLU B 130 -24.05 -4.29 3.12
N SER B 131 -23.09 -4.42 2.20
CA SER B 131 -23.40 -4.97 0.87
C SER B 131 -23.84 -6.41 0.98
N LEU B 132 -23.12 -7.19 1.82
CA LEU B 132 -23.51 -8.54 2.08
C LEU B 132 -24.90 -8.67 2.63
N TYR B 133 -25.19 -7.89 3.69
CA TYR B 133 -26.50 -7.91 4.34
C TYR B 133 -27.60 -7.51 3.35
N LEU B 134 -27.34 -6.49 2.56
CA LEU B 134 -28.39 -6.12 1.54
C LEU B 134 -28.71 -7.31 0.59
N ALA B 135 -27.68 -8.09 0.23
CA ALA B 135 -27.82 -9.19 -0.71
C ALA B 135 -28.56 -10.32 -0.06
N LEU B 136 -28.13 -10.69 1.14
CA LEU B 136 -28.85 -11.69 1.93
C LEU B 136 -30.33 -11.40 2.04
N ARG B 137 -30.67 -10.14 2.19
CA ARG B 137 -32.07 -9.80 2.39
C ARG B 137 -32.93 -10.07 1.17
N MET B 138 -32.33 -10.12 -0.01
CA MET B 138 -33.03 -10.35 -1.26
C MET B 138 -33.20 -11.81 -1.63
N VAL B 139 -32.45 -12.70 -0.99
CA VAL B 139 -32.46 -14.09 -1.36
C VAL B 139 -33.84 -14.76 -1.12
N LYS B 140 -34.44 -15.32 -2.17
CA LYS B 140 -35.70 -16.11 -2.01
C LYS B 140 -36.01 -16.88 -3.30
N PRO B 141 -36.90 -17.89 -3.23
CA PRO B 141 -37.19 -18.64 -4.45
C PRO B 141 -37.79 -17.75 -5.50
N GLY B 142 -37.44 -18.05 -6.75
CA GLY B 142 -38.01 -17.33 -7.89
C GLY B 142 -37.28 -16.09 -8.37
N ILE B 143 -36.43 -15.47 -7.54
CA ILE B 143 -35.61 -14.38 -8.08
C ILE B 143 -34.46 -14.95 -8.92
N ASN B 144 -33.91 -14.11 -9.77
CA ASN B 144 -32.69 -14.40 -10.49
C ASN B 144 -31.49 -13.92 -9.67
N LEU B 145 -30.51 -14.80 -9.47
CA LEU B 145 -29.20 -14.42 -8.88
C LEU B 145 -28.66 -13.10 -9.39
N ARG B 146 -28.87 -12.86 -10.69
CA ARG B 146 -28.43 -11.66 -11.36
C ARG B 146 -28.89 -10.38 -10.63
N GLU B 147 -30.07 -10.40 -10.03
CA GLU B 147 -30.60 -9.22 -9.30
C GLU B 147 -29.79 -8.86 -8.02
N ILE B 148 -29.20 -9.90 -7.44
CA ILE B 148 -28.42 -9.79 -6.24
C ILE B 148 -27.09 -9.11 -6.54
N GLY B 149 -26.33 -9.61 -7.53
CA GLY B 149 -25.16 -8.89 -7.99
C GLY B 149 -25.47 -7.47 -8.41
N ALA B 150 -26.53 -7.29 -9.17
CA ALA B 150 -26.85 -5.92 -9.60
C ALA B 150 -27.10 -4.99 -8.36
N ALA B 151 -27.85 -5.50 -7.39
CA ALA B 151 -28.06 -4.72 -6.12
C ALA B 151 -26.76 -4.45 -5.34
N ILE B 152 -25.88 -5.44 -5.25
CA ILE B 152 -24.58 -5.20 -4.58
C ILE B 152 -23.85 -4.08 -5.29
N GLN B 153 -23.75 -4.22 -6.60
CA GLN B 153 -22.99 -3.25 -7.37
C GLN B 153 -23.53 -1.83 -7.18
N LYS B 154 -24.85 -1.69 -7.30
CA LYS B 154 -25.48 -0.37 -7.18
C LYS B 154 -25.13 0.29 -5.83
N PHE B 155 -25.20 -0.50 -4.78
CA PHE B 155 -24.99 -0.01 -3.42
C PHE B 155 -23.54 0.46 -3.23
N VAL B 156 -22.62 -0.40 -3.68
CA VAL B 156 -21.20 -0.22 -3.47
C VAL B 156 -20.70 0.98 -4.25
N GLU B 157 -21.14 1.08 -5.51
CA GLU B 157 -20.84 2.23 -6.37
C GLU B 157 -21.46 3.58 -5.86
N ALA B 158 -22.65 3.55 -5.29
CA ALA B 158 -23.19 4.80 -4.64
C ALA B 158 -22.33 5.32 -3.48
N GLU B 159 -21.58 4.45 -2.82
CA GLU B 159 -20.64 4.82 -1.77
C GLU B 159 -19.25 5.13 -2.27
N GLY B 160 -19.03 5.17 -3.59
CA GLY B 160 -17.72 5.58 -4.09
C GLY B 160 -16.71 4.46 -4.14
N PHE B 161 -17.18 3.22 -4.04
CA PHE B 161 -16.26 2.08 -4.07
C PHE B 161 -16.56 1.27 -5.33
N SER B 162 -15.76 0.22 -5.53
CA SER B 162 -15.81 -0.64 -6.74
C SER B 162 -15.91 -2.12 -6.38
N VAL B 163 -16.52 -2.89 -7.26
CA VAL B 163 -16.77 -4.32 -7.02
C VAL B 163 -15.80 -5.17 -7.88
N VAL B 164 -14.99 -6.01 -7.23
CA VAL B 164 -14.08 -6.92 -7.90
C VAL B 164 -14.85 -7.92 -8.77
N ARG B 165 -14.38 -8.04 -10.02
CA ARG B 165 -15.11 -8.76 -11.07
C ARG B 165 -14.68 -10.22 -11.22
N GLU B 166 -13.38 -10.49 -11.04
CA GLU B 166 -12.75 -11.78 -11.46
C GLU B 166 -12.90 -12.90 -10.44
N TYR B 167 -13.30 -12.56 -9.22
CA TYR B 167 -13.50 -13.52 -8.16
C TYR B 167 -14.93 -13.36 -7.64
N CYS B 168 -15.45 -14.43 -7.04
CA CYS B 168 -16.89 -14.57 -6.78
C CYS B 168 -17.24 -15.60 -5.70
N GLY B 169 -18.47 -15.51 -5.24
CA GLY B 169 -19.06 -16.53 -4.42
C GLY B 169 -19.35 -17.75 -5.29
N HIS B 170 -19.81 -18.79 -4.62
CA HIS B 170 -20.00 -20.10 -5.23
C HIS B 170 -21.04 -20.98 -4.53
N GLY B 171 -21.50 -21.98 -5.31
CA GLY B 171 -22.22 -23.11 -4.72
C GLY B 171 -21.23 -23.84 -3.79
N ILE B 172 -21.78 -24.58 -2.84
CA ILE B 172 -21.00 -25.24 -1.76
C ILE B 172 -21.83 -26.39 -1.22
N GLY B 173 -21.20 -27.40 -0.61
CA GLY B 173 -21.89 -28.63 -0.24
C GLY B 173 -20.91 -29.74 0.11
N ARG B 174 -21.00 -30.91 -0.55
CA ARG B 174 -19.96 -31.92 -0.38
C ARG B 174 -18.68 -31.43 -1.09
N GLY B 175 -18.83 -30.54 -2.07
CA GLY B 175 -17.68 -29.81 -2.61
C GLY B 175 -17.43 -28.44 -2.01
N PHE B 176 -16.21 -27.96 -2.09
CA PHE B 176 -15.86 -26.58 -1.67
C PHE B 176 -16.48 -25.55 -2.66
N HIS B 177 -16.11 -25.66 -3.94
CA HIS B 177 -16.70 -24.83 -4.97
C HIS B 177 -17.60 -25.63 -5.93
N GLU B 178 -18.88 -25.26 -5.99
CA GLU B 178 -19.88 -25.91 -6.85
C GLU B 178 -20.62 -24.84 -7.64
N GLU B 179 -21.43 -25.26 -8.61
CA GLU B 179 -22.38 -24.30 -9.25
C GLU B 179 -23.36 -23.74 -8.22
N PRO B 180 -23.88 -22.52 -8.36
CA PRO B 180 -23.52 -21.63 -9.44
C PRO B 180 -22.35 -20.72 -9.07
N GLN B 181 -21.93 -19.93 -10.03
CA GLN B 181 -21.05 -18.83 -9.74
C GLN B 181 -21.90 -17.68 -9.26
N VAL B 182 -21.41 -16.98 -8.24
CA VAL B 182 -22.16 -15.86 -7.62
C VAL B 182 -21.34 -14.58 -7.80
N LEU B 183 -21.70 -13.81 -8.83
CA LEU B 183 -21.04 -12.55 -9.20
C LEU B 183 -21.61 -11.49 -8.27
N HIS B 184 -20.79 -10.49 -7.91
CA HIS B 184 -21.24 -9.44 -7.00
C HIS B 184 -21.56 -8.18 -7.75
N TYR B 185 -21.92 -8.35 -9.02
CA TYR B 185 -22.24 -7.27 -9.95
C TYR B 185 -23.19 -7.72 -11.03
N ASP B 186 -23.78 -6.75 -11.75
CA ASP B 186 -24.70 -7.07 -12.85
C ASP B 186 -23.96 -7.60 -14.07
N SER B 187 -24.39 -8.76 -14.53
CA SER B 187 -23.85 -9.39 -15.74
C SER B 187 -24.87 -10.27 -16.41
N ARG B 188 -24.83 -10.30 -17.72
CA ARG B 188 -25.67 -11.23 -18.45
C ARG B 188 -25.05 -12.63 -18.40
N GLU B 189 -23.78 -12.77 -17.97
CA GLU B 189 -23.24 -14.10 -17.64
C GLU B 189 -24.22 -14.85 -16.76
N THR B 190 -24.96 -14.12 -15.91
CA THR B 190 -25.74 -14.74 -14.88
C THR B 190 -27.15 -14.93 -15.32
N ASN B 191 -27.64 -16.15 -15.16
CA ASN B 191 -29.04 -16.39 -15.31
C ASN B 191 -29.50 -17.62 -14.60
N VAL B 192 -29.83 -17.44 -13.33
CA VAL B 192 -30.20 -18.57 -12.48
C VAL B 192 -31.37 -18.12 -11.63
N VAL B 193 -32.48 -18.84 -11.71
CA VAL B 193 -33.63 -18.63 -10.84
C VAL B 193 -33.45 -19.50 -9.60
N LEU B 194 -33.49 -18.89 -8.42
CA LEU B 194 -33.30 -19.62 -7.13
C LEU B 194 -34.49 -20.52 -6.81
N LYS B 195 -34.20 -21.65 -6.20
CA LYS B 195 -35.19 -22.61 -5.76
C LYS B 195 -34.74 -23.09 -4.36
N PRO B 196 -35.72 -23.49 -3.52
CA PRO B 196 -35.46 -23.99 -2.19
C PRO B 196 -34.52 -25.13 -2.19
N GLY B 197 -33.71 -25.22 -1.16
CA GLY B 197 -32.67 -26.25 -1.09
C GLY B 197 -31.35 -25.91 -1.78
N MET B 198 -31.29 -24.89 -2.63
CA MET B 198 -29.97 -24.39 -3.10
C MET B 198 -29.10 -23.81 -1.99
N THR B 199 -27.82 -24.23 -1.98
CA THR B 199 -26.84 -23.67 -1.06
C THR B 199 -25.67 -22.99 -1.76
N PHE B 200 -25.36 -21.79 -1.33
CA PHE B 200 -24.24 -21.08 -1.93
C PHE B 200 -23.75 -20.01 -1.00
N THR B 201 -22.62 -19.42 -1.36
CA THR B 201 -22.10 -18.29 -0.65
C THR B 201 -22.30 -16.94 -1.36
N ILE B 202 -22.37 -15.89 -0.53
CA ILE B 202 -22.22 -14.55 -1.00
C ILE B 202 -21.04 -13.93 -0.26
N GLU B 203 -20.07 -13.41 -1.01
CA GLU B 203 -18.77 -12.98 -0.49
C GLU B 203 -18.17 -11.78 -1.20
N PRO B 204 -18.90 -10.65 -1.17
CA PRO B 204 -18.47 -9.49 -1.94
C PRO B 204 -17.06 -8.96 -1.56
N MET B 205 -16.27 -8.70 -2.58
CA MET B 205 -14.91 -8.13 -2.44
C MET B 205 -15.03 -6.75 -2.99
N VAL B 206 -14.72 -5.78 -2.11
CA VAL B 206 -14.96 -4.36 -2.37
C VAL B 206 -13.65 -3.62 -2.24
N ASN B 207 -13.30 -2.89 -3.31
CA ASN B 207 -12.07 -2.10 -3.35
C ASN B 207 -12.36 -0.65 -3.04
N ALA B 208 -11.44 0.01 -2.32
CA ALA B 208 -11.59 1.49 -2.08
C ALA B 208 -11.45 2.35 -3.36
N GLY B 209 -10.53 1.96 -4.24
CA GLY B 209 -10.33 2.65 -5.51
C GLY B 209 -10.94 1.88 -6.66
N LYS B 210 -10.15 1.66 -7.71
CA LYS B 210 -10.67 1.00 -8.89
C LYS B 210 -10.83 -0.52 -8.72
N LYS B 211 -11.65 -1.10 -9.59
CA LYS B 211 -11.99 -2.55 -9.54
C LYS B 211 -10.87 -3.60 -9.86
N GLU B 212 -9.85 -3.24 -10.66
CA GLU B 212 -8.97 -4.19 -11.32
C GLU B 212 -8.05 -4.81 -10.27
N ILE B 213 -7.65 -6.02 -10.54
CA ILE B 213 -6.81 -6.84 -9.64
C ILE B 213 -5.56 -7.36 -10.38
N ARG B 214 -4.58 -7.91 -9.66
CA ARG B 214 -3.45 -8.57 -10.26
C ARG B 214 -3.13 -9.73 -9.38
N THR B 215 -2.55 -10.77 -9.96
CA THR B 215 -2.12 -11.93 -9.18
C THR B 215 -0.62 -11.87 -8.95
N MET B 216 -0.16 -12.50 -7.87
CA MET B 216 1.21 -12.39 -7.44
C MET B 216 2.06 -13.62 -7.86
N LYS B 217 3.38 -13.50 -7.72
CA LYS B 217 4.34 -14.57 -8.10
C LYS B 217 4.07 -15.91 -7.45
N ASP B 218 3.44 -15.92 -6.29
CA ASP B 218 3.12 -17.16 -5.64
C ASP B 218 1.92 -17.92 -6.29
N GLY B 219 1.25 -17.34 -7.31
CA GLY B 219 0.07 -17.97 -7.89
C GLY B 219 -1.27 -17.58 -7.22
N TRP B 220 -1.31 -17.76 -5.92
CA TRP B 220 -2.54 -17.68 -5.16
C TRP B 220 -2.96 -16.25 -4.91
N THR B 221 -2.02 -15.43 -4.43
CA THR B 221 -2.37 -14.14 -3.81
C THR B 221 -2.83 -13.15 -4.86
N VAL B 222 -4.00 -12.55 -4.59
CA VAL B 222 -4.63 -11.52 -5.43
C VAL B 222 -4.60 -10.16 -4.70
N LYS B 223 -4.09 -9.11 -5.37
CA LYS B 223 -4.05 -7.74 -4.81
C LYS B 223 -4.78 -6.75 -5.74
N THR B 224 -5.15 -5.58 -5.22
CA THR B 224 -5.67 -4.51 -6.06
C THR B 224 -4.57 -4.04 -7.02
N LYS B 225 -4.93 -3.75 -8.27
CA LYS B 225 -3.97 -3.25 -9.25
C LYS B 225 -3.49 -1.84 -8.89
N ASP B 226 -4.41 -0.97 -8.49
CA ASP B 226 -4.08 0.37 -8.08
C ASP B 226 -3.54 0.46 -6.64
N ARG B 227 -3.26 -0.66 -5.96
CA ARG B 227 -2.83 -0.73 -4.57
C ARG B 227 -3.77 0.01 -3.52
N SER B 228 -5.05 0.17 -3.81
CA SER B 228 -6.04 0.60 -2.78
C SER B 228 -6.40 -0.54 -1.82
N LEU B 229 -7.00 -0.20 -0.69
CA LEU B 229 -7.47 -1.21 0.21
C LEU B 229 -8.62 -2.01 -0.40
N SER B 230 -8.74 -3.20 0.07
CA SER B 230 -9.88 -4.05 -0.35
C SER B 230 -10.40 -4.83 0.79
N ALA B 231 -11.72 -5.09 0.81
CA ALA B 231 -12.36 -5.75 1.94
C ALA B 231 -13.39 -6.78 1.49
N GLN B 232 -13.56 -7.81 2.30
CA GLN B 232 -14.58 -8.83 2.09
C GLN B 232 -15.25 -9.35 3.37
N TYR B 233 -16.48 -9.81 3.20
CA TYR B 233 -17.18 -10.58 4.20
C TYR B 233 -17.98 -11.67 3.47
N GLU B 234 -18.20 -12.74 4.20
CA GLU B 234 -18.87 -13.90 3.69
C GLU B 234 -19.76 -14.65 4.64
N HIS B 235 -20.88 -15.08 4.08
CA HIS B 235 -21.72 -16.11 4.67
C HIS B 235 -22.16 -17.17 3.67
N THR B 236 -22.43 -18.37 4.20
CA THR B 236 -23.02 -19.50 3.47
C THR B 236 -24.50 -19.55 3.84
N ILE B 237 -25.34 -19.70 2.81
CA ILE B 237 -26.78 -19.74 2.96
C ILE B 237 -27.44 -20.92 2.26
N VAL B 238 -28.69 -21.16 2.67
CA VAL B 238 -29.59 -22.12 2.00
C VAL B 238 -30.89 -21.40 1.67
N VAL B 239 -31.38 -21.58 0.45
CA VAL B 239 -32.65 -21.00 0.00
C VAL B 239 -33.74 -21.89 0.66
N THR B 240 -34.71 -21.21 1.29
CA THR B 240 -35.87 -21.83 1.96
C THR B 240 -37.09 -21.53 1.11
N ASP B 241 -38.29 -21.95 1.52
CA ASP B 241 -39.52 -21.76 0.70
C ASP B 241 -40.01 -20.34 0.57
N ASN B 242 -39.69 -19.46 1.52
CA ASN B 242 -40.00 -18.02 1.40
C ASN B 242 -38.84 -17.06 1.72
N GLY B 243 -37.60 -17.54 1.67
CA GLY B 243 -36.44 -16.63 1.87
C GLY B 243 -35.11 -17.37 2.00
N CYS B 244 -34.39 -17.10 3.08
CA CYS B 244 -33.14 -17.83 3.32
C CYS B 244 -32.79 -18.03 4.74
N GLU B 245 -31.90 -19.00 4.99
CA GLU B 245 -31.33 -19.24 6.27
C GLU B 245 -29.81 -19.13 6.13
N ILE B 246 -29.22 -18.34 7.03
CA ILE B 246 -27.81 -18.06 7.01
C ILE B 246 -27.23 -19.09 7.97
N LEU B 247 -26.21 -19.79 7.49
CA LEU B 247 -25.65 -20.95 8.23
C LEU B 247 -24.36 -20.71 8.95
N THR B 248 -23.78 -19.53 8.78
CA THR B 248 -22.47 -19.20 9.34
C THR B 248 -22.56 -17.95 10.27
N LEU B 249 -23.71 -17.71 10.91
CA LEU B 249 -23.83 -16.50 11.77
C LEU B 249 -22.96 -16.60 13.02
N ARG B 250 -22.30 -15.50 13.38
CA ARG B 250 -21.60 -15.32 14.63
C ARG B 250 -22.48 -14.47 15.54
N LYS B 251 -22.12 -14.51 16.81
CA LYS B 251 -22.66 -13.61 17.82
C LYS B 251 -22.58 -12.13 17.53
N ASP B 252 -21.49 -11.69 16.87
CA ASP B 252 -21.31 -10.28 16.51
C ASP B 252 -22.05 -9.88 15.18
N ASP B 253 -22.60 -10.85 14.41
CA ASP B 253 -23.50 -10.53 13.27
C ASP B 253 -24.75 -9.78 13.76
N THR B 254 -25.37 -8.93 12.92
CA THR B 254 -26.42 -8.02 13.35
C THR B 254 -27.65 -8.14 12.46
N ILE B 255 -27.98 -9.40 12.14
CA ILE B 255 -29.12 -9.80 11.32
C ILE B 255 -29.54 -11.16 11.86
N PRO B 256 -30.82 -11.49 11.80
CA PRO B 256 -31.21 -12.82 12.22
C PRO B 256 -30.76 -13.90 11.20
N ALA B 257 -30.70 -15.14 11.66
CA ALA B 257 -30.32 -16.26 10.81
C ALA B 257 -31.34 -16.59 9.75
N ILE B 258 -32.62 -16.43 10.10
CA ILE B 258 -33.72 -16.72 9.19
C ILE B 258 -34.22 -15.39 8.62
N ILE B 259 -34.40 -15.30 7.30
CA ILE B 259 -35.02 -14.09 6.64
C ILE B 259 -36.25 -14.56 5.90
N SER B 260 -37.41 -13.93 6.21
CA SER B 260 -38.72 -14.34 5.71
C SER B 260 -39.33 -13.23 4.84
N HIS B 261 -39.97 -13.59 3.73
CA HIS B 261 -40.59 -12.59 2.85
C HIS B 261 -42.10 -12.80 2.74
#